data_7PK0
#
_entry.id   7PK0
#
_cell.length_a   63.840
_cell.length_b   63.840
_cell.length_c   135.336
_cell.angle_alpha   90.000
_cell.angle_beta   90.000
_cell.angle_gamma   90.000
#
_symmetry.space_group_name_H-M   'P 43 21 2'
#
loop_
_entity.id
_entity.type
_entity.pdbx_description
1 polymer 'Glycine N-acyltransferase'
2 non-polymer 'ACETATE ION'
3 non-polymer 'benzoyl coenzyme A'
4 water water
#
_entity_poly.entity_id   1
_entity_poly.type   'polypeptide(L)'
_entity_poly.pdbx_seq_one_letter_code
;GMFLLQGAQMLQMLEKSLRKSLPMSLKVYGTVMHMNHGNPFNLKALVDKWPDFQTVVIRPQEQDMKDDLDHYTNTYHVYS
EDLKNCQEFLDLPEVINWKQHLQIQSTQSSLNEVIQNLAATKSFKVKRSKNILYMASETIKELTPSLLDVKNLPVGDGKP
KAIDPEMFKLSSVDPSHAAVVNRFWLFGGNERSLRFIERCIQSFPNFCLLGPEGTPVSWSLMDQTGEMRMAGTLPEYRAQ
GLVTHAIYQQAQCLLKRGFPVYSHVDPKNQIMQKMSQSLNHVPMPSDWNQWNCEPL
;
_entity_poly.pdbx_strand_id   A
#
# COMPACT_ATOMS: atom_id res chain seq x y z
N GLY A 1 8.07 22.86 11.43
CA GLY A 1 9.47 22.38 11.62
C GLY A 1 9.66 21.04 10.93
N MET A 2 10.62 20.24 11.39
CA MET A 2 10.90 18.88 10.83
C MET A 2 11.59 18.00 11.87
N PHE A 3 10.96 16.89 12.19
CA PHE A 3 11.40 15.93 13.22
C PHE A 3 11.37 14.50 12.64
N LEU A 4 12.51 13.83 12.73
CA LEU A 4 12.64 12.37 12.44
C LEU A 4 12.29 11.57 13.68
N LEU A 5 11.25 10.74 13.64
CA LEU A 5 10.92 9.79 14.73
C LEU A 5 11.98 8.70 14.79
N GLN A 6 12.26 8.24 16.01
CA GLN A 6 13.28 7.23 16.30
C GLN A 6 12.72 6.28 17.36
N GLY A 7 12.72 4.99 17.09
CA GLY A 7 12.35 3.97 18.08
C GLY A 7 10.90 3.58 18.10
N ALA A 8 10.62 2.43 18.71
CA ALA A 8 9.29 1.80 18.76
C ALA A 8 8.32 2.71 19.51
N GLN A 9 8.73 3.36 20.60
CA GLN A 9 7.80 4.18 21.41
C GLN A 9 7.19 5.27 20.51
N MET A 10 8.02 6.03 19.81
CA MET A 10 7.55 7.15 18.95
C MET A 10 6.68 6.59 17.82
N LEU A 11 7.09 5.50 17.18
CA LEU A 11 6.27 4.92 16.07
C LEU A 11 4.93 4.44 16.59
N GLN A 12 4.90 3.86 17.81
CA GLN A 12 3.64 3.40 18.46
C GLN A 12 2.76 4.61 18.76
N MET A 13 3.33 5.73 19.23
CA MET A 13 2.56 7.00 19.46
C MET A 13 1.98 7.48 18.13
N LEU A 14 2.77 7.48 17.05
CA LEU A 14 2.29 7.90 15.70
C LEU A 14 1.13 7.00 15.25
N GLU A 15 1.30 5.69 15.39
CA GLU A 15 0.27 4.73 14.94
C GLU A 15 -1.01 5.02 15.71
N LYS A 16 -0.95 5.17 17.04
CA LYS A 16 -2.15 5.49 17.86
C LYS A 16 -2.80 6.82 17.41
N SER A 17 -2.02 7.84 17.14
CA SER A 17 -2.56 9.17 16.75
C SER A 17 -3.30 9.05 15.40
N LEU A 18 -2.70 8.31 14.47
CA LEU A 18 -3.26 8.19 13.10
C LEU A 18 -4.58 7.44 13.09
N ARG A 19 -4.83 6.62 14.09
CA ARG A 19 -6.10 5.85 14.18
C ARG A 19 -7.29 6.81 14.20
N LYS A 20 -7.09 8.02 14.73
CA LYS A 20 -8.20 8.99 14.87
C LYS A 20 -8.56 9.65 13.54
N SER A 21 -7.74 9.45 12.52
CA SER A 21 -8.02 10.05 11.21
C SER A 21 -8.27 8.99 10.14
N LEU A 22 -8.50 7.72 10.52
CA LEU A 22 -8.88 6.68 9.54
C LEU A 22 -10.27 6.98 9.02
N PRO A 23 -10.56 6.71 7.74
CA PRO A 23 -9.62 6.08 6.80
C PRO A 23 -8.73 7.01 5.97
N MET A 24 -8.86 8.33 6.14
CA MET A 24 -8.03 9.25 5.35
C MET A 24 -6.54 9.02 5.63
N SER A 25 -6.16 8.70 6.85
CA SER A 25 -4.75 8.41 7.23
C SER A 25 -4.31 6.95 6.96
N LEU A 26 -5.17 6.13 6.40
CA LEU A 26 -4.95 4.66 6.30
C LEU A 26 -3.62 4.33 5.59
N LYS A 27 -3.29 4.97 4.46
CA LYS A 27 -2.07 4.62 3.71
C LYS A 27 -0.85 4.82 4.62
N VAL A 28 -0.83 5.89 5.42
CA VAL A 28 0.30 6.14 6.36
C VAL A 28 0.22 5.17 7.53
N TYR A 29 -0.95 5.00 8.09
CA TYR A 29 -1.19 4.08 9.25
C TYR A 29 -0.68 2.68 8.92
N GLY A 30 -1.05 2.12 7.76
CA GLY A 30 -0.60 0.77 7.41
C GLY A 30 0.92 0.71 7.29
N THR A 31 1.52 1.74 6.71
CA THR A 31 2.99 1.80 6.51
C THR A 31 3.67 1.79 7.88
N VAL A 32 3.20 2.63 8.80
CA VAL A 32 3.81 2.74 10.16
C VAL A 32 3.66 1.43 10.92
N MET A 33 2.52 0.77 10.83
CA MET A 33 2.31 -0.51 11.54
CA MET A 33 2.30 -0.51 11.54
C MET A 33 3.34 -1.50 11.05
N HIS A 34 3.66 -1.52 9.74
CA HIS A 34 4.62 -2.53 9.23
C HIS A 34 6.04 -2.07 9.56
N MET A 35 6.29 -0.76 9.72
CA MET A 35 7.61 -0.24 10.20
C MET A 35 7.91 -0.77 11.61
N ASN A 36 6.85 -0.86 12.41
CA ASN A 36 6.88 -1.21 13.86
CA ASN A 36 7.02 -1.18 13.85
C ASN A 36 7.18 -2.70 14.00
N HIS A 37 7.38 -3.40 12.88
CA HIS A 37 7.58 -4.86 12.79
C HIS A 37 8.81 -5.13 11.91
N GLY A 38 10.00 -4.65 12.31
CA GLY A 38 11.31 -4.95 11.68
C GLY A 38 11.71 -3.94 10.62
N ASN A 39 10.79 -3.04 10.25
CA ASN A 39 11.03 -1.97 9.24
C ASN A 39 11.80 -2.54 8.03
N PRO A 40 11.25 -3.56 7.33
CA PRO A 40 12.00 -4.24 6.29
C PRO A 40 12.35 -3.38 5.08
N PHE A 41 11.55 -2.34 4.78
CA PHE A 41 11.88 -1.41 3.68
C PHE A 41 12.77 -0.26 4.16
N ASN A 42 13.17 -0.23 5.42
CA ASN A 42 14.15 0.78 5.93
C ASN A 42 13.60 2.20 5.68
N LEU A 43 12.33 2.40 6.04
CA LEU A 43 11.66 3.72 5.91
C LEU A 43 11.89 4.55 7.16
N LYS A 44 11.57 5.83 7.02
CA LYS A 44 11.58 6.74 8.19
C LYS A 44 10.39 7.70 8.15
N ALA A 45 9.88 7.98 9.35
CA ALA A 45 8.69 8.82 9.57
C ALA A 45 9.17 10.22 9.96
N LEU A 46 8.75 11.22 9.20
CA LEU A 46 8.97 12.66 9.43
C LEU A 46 7.66 13.33 9.85
N VAL A 47 7.72 14.27 10.78
CA VAL A 47 6.56 15.12 11.15
C VAL A 47 6.99 16.57 11.24
N ASP A 48 6.02 17.48 11.16
CA ASP A 48 6.29 18.95 11.20
C ASP A 48 6.44 19.40 12.66
N LYS A 49 5.92 18.62 13.60
CA LYS A 49 5.83 18.93 15.06
C LYS A 49 5.59 17.62 15.79
N TRP A 50 6.02 17.53 17.04
CA TRP A 50 5.86 16.31 17.86
C TRP A 50 5.57 16.70 19.30
N PRO A 51 4.60 16.10 20.00
CA PRO A 51 3.80 14.98 19.49
C PRO A 51 2.58 15.30 18.62
N ASP A 52 2.15 16.57 18.64
CA ASP A 52 0.90 17.03 17.97
CA ASP A 52 0.91 17.02 17.96
C ASP A 52 1.21 17.45 16.53
N PHE A 53 1.61 16.49 15.69
CA PHE A 53 1.90 16.77 14.26
C PHE A 53 0.61 17.16 13.54
N GLN A 54 0.81 18.00 12.52
CA GLN A 54 -0.20 18.35 11.50
CA GLN A 54 -0.22 18.32 11.51
C GLN A 54 0.09 17.54 10.23
N THR A 55 1.36 17.35 9.89
CA THR A 55 1.70 16.57 8.66
C THR A 55 2.68 15.45 8.99
N VAL A 56 2.46 14.28 8.41
CA VAL A 56 3.40 13.14 8.48
C VAL A 56 3.76 12.70 7.06
N VAL A 57 5.03 12.41 6.85
CA VAL A 57 5.55 11.81 5.61
C VAL A 57 6.38 10.60 6.00
N ILE A 58 6.07 9.48 5.34
CA ILE A 58 6.92 8.28 5.38
C ILE A 58 7.75 8.30 4.10
N ARG A 59 9.06 8.14 4.21
CA ARG A 59 9.97 8.26 3.06
C ARG A 59 11.08 7.23 3.21
N PRO A 60 11.71 6.84 2.10
CA PRO A 60 12.80 5.88 2.16
C PRO A 60 14.10 6.57 2.58
N GLN A 61 15.16 5.77 2.68
CA GLN A 61 16.53 6.27 2.90
C GLN A 61 17.14 6.79 1.61
N GLU A 62 17.78 7.95 1.72
CA GLU A 62 18.41 8.67 0.59
C GLU A 62 19.39 7.74 -0.16
N GLN A 63 20.15 6.92 0.57
CA GLN A 63 21.22 6.08 -0.02
C GLN A 63 20.64 4.79 -0.60
N ASP A 64 19.33 4.53 -0.40
CA ASP A 64 18.59 3.46 -1.12
C ASP A 64 18.00 4.00 -2.42
N MET A 65 18.00 5.32 -2.67
CA MET A 65 17.22 5.96 -3.75
C MET A 65 18.21 6.44 -4.82
N LYS A 66 19.09 5.53 -5.24
CA LYS A 66 20.22 5.80 -6.15
C LYS A 66 19.75 5.98 -7.59
N ASP A 67 18.65 5.35 -7.99
CA ASP A 67 18.14 5.36 -9.36
C ASP A 67 17.07 6.43 -9.47
N ASP A 68 17.37 7.53 -10.14
CA ASP A 68 16.42 8.65 -10.21
C ASP A 68 15.15 8.20 -10.92
N LEU A 69 15.20 7.13 -11.72
CA LEU A 69 14.04 6.65 -12.53
C LEU A 69 13.20 5.60 -11.79
N ASP A 70 13.64 5.16 -10.61
CA ASP A 70 12.94 4.02 -9.94
C ASP A 70 11.82 4.58 -9.03
N HIS A 71 10.67 4.91 -9.61
CA HIS A 71 9.55 5.50 -8.85
C HIS A 71 9.00 4.46 -7.85
N TYR A 72 9.19 3.17 -8.08
CA TYR A 72 8.76 2.12 -7.11
C TYR A 72 9.53 2.28 -5.80
N THR A 73 10.82 2.51 -5.88
CA THR A 73 11.65 2.80 -4.68
C THR A 73 11.32 4.21 -4.13
N ASN A 74 11.22 5.20 -5.02
CA ASN A 74 11.07 6.62 -4.66
C ASN A 74 9.59 6.87 -4.33
N THR A 75 9.10 6.25 -3.24
CA THR A 75 7.68 6.34 -2.84
C THR A 75 7.61 7.02 -1.48
N TYR A 76 6.64 7.93 -1.35
CA TYR A 76 6.39 8.73 -0.16
C TYR A 76 4.94 8.56 0.23
N HIS A 77 4.67 8.41 1.53
CA HIS A 77 3.32 8.18 2.07
C HIS A 77 2.96 9.41 2.91
N VAL A 78 1.83 10.05 2.67
CA VAL A 78 1.55 11.37 3.26
C VAL A 78 0.14 11.44 3.84
N TYR A 79 0.01 12.14 4.96
CA TYR A 79 -1.29 12.51 5.54
C TYR A 79 -1.13 13.84 6.24
N SER A 80 -2.14 14.70 6.16
CA SER A 80 -2.04 16.05 6.80
C SER A 80 -3.38 16.54 7.34
N GLU A 81 -3.34 17.21 8.50
CA GLU A 81 -4.54 17.91 9.06
C GLU A 81 -4.72 19.28 8.42
N ASP A 82 -3.70 19.83 7.76
CA ASP A 82 -3.63 21.27 7.44
C ASP A 82 -2.91 21.41 6.12
N LEU A 83 -3.62 21.71 5.05
CA LEU A 83 -3.00 21.68 3.69
C LEU A 83 -1.92 22.76 3.56
N LYS A 84 -1.98 23.89 4.27
CA LYS A 84 -0.91 24.92 4.20
C LYS A 84 0.33 24.34 4.85
N ASN A 85 0.17 23.70 5.99
CA ASN A 85 1.28 23.06 6.73
C ASN A 85 1.90 21.97 5.82
N CYS A 86 1.03 21.20 5.17
CA CYS A 86 1.45 20.08 4.29
C CYS A 86 2.31 20.63 3.15
N GLN A 87 1.86 21.71 2.52
CA GLN A 87 2.58 22.32 1.38
C GLN A 87 3.95 22.86 1.85
N GLU A 88 4.00 23.52 3.01
CA GLU A 88 5.28 23.99 3.60
C GLU A 88 6.21 22.84 3.94
N PHE A 89 5.66 21.72 4.38
CA PHE A 89 6.48 20.55 4.74
C PHE A 89 7.04 19.85 3.50
N LEU A 90 6.23 19.63 2.49
CA LEU A 90 6.64 18.91 1.26
C LEU A 90 7.56 19.83 0.44
N ASP A 91 7.66 21.12 0.82
CA ASP A 91 8.52 22.10 0.12
C ASP A 91 9.97 21.89 0.55
N LEU A 92 10.20 21.22 1.66
CA LEU A 92 11.55 21.03 2.27
C LEU A 92 12.27 19.95 1.48
N PRO A 93 13.49 20.20 0.97
CA PRO A 93 14.19 19.19 0.15
C PRO A 93 14.56 17.97 0.99
N GLU A 94 14.66 18.08 2.32
CA GLU A 94 14.95 16.93 3.22
C GLU A 94 13.73 16.01 3.33
N VAL A 95 12.53 16.50 3.01
CA VAL A 95 11.29 15.70 3.11
C VAL A 95 11.04 14.93 1.80
N ILE A 96 11.01 15.62 0.67
CA ILE A 96 10.77 15.03 -0.66
C ILE A 96 11.84 15.53 -1.61
N ASN A 97 12.45 14.63 -2.36
CA ASN A 97 13.39 15.00 -3.44
C ASN A 97 12.62 14.98 -4.76
N TRP A 98 12.12 16.16 -5.18
CA TRP A 98 11.29 16.30 -6.39
C TRP A 98 12.09 16.16 -7.69
N LYS A 99 13.42 16.04 -7.61
CA LYS A 99 14.26 15.90 -8.81
C LYS A 99 14.25 14.46 -9.31
N GLN A 100 13.61 13.53 -8.58
CA GLN A 100 13.54 12.14 -9.09
C GLN A 100 12.14 11.77 -9.60
N HIS A 101 12.05 10.72 -10.42
CA HIS A 101 10.75 10.07 -10.72
C HIS A 101 10.28 9.46 -9.39
N LEU A 102 9.06 9.79 -8.96
CA LEU A 102 8.62 9.42 -7.60
C LEU A 102 7.12 9.17 -7.60
N GLN A 103 6.63 8.53 -6.54
CA GLN A 103 5.19 8.24 -6.32
C GLN A 103 4.86 8.80 -4.95
N ILE A 104 3.82 9.65 -4.88
CA ILE A 104 3.20 10.02 -3.59
C ILE A 104 1.97 9.17 -3.44
N GLN A 105 1.81 8.47 -2.31
CA GLN A 105 0.60 7.65 -2.08
C GLN A 105 -0.13 8.20 -0.86
N SER A 106 -1.45 8.32 -0.97
CA SER A 106 -2.27 8.72 0.17
C SER A 106 -3.70 8.26 -0.07
N THR A 107 -4.36 7.99 1.05
CA THR A 107 -5.84 7.81 1.09
C THR A 107 -6.53 9.13 1.42
N GLN A 108 -5.83 10.25 1.21
CA GLN A 108 -6.36 11.62 1.40
C GLN A 108 -6.37 12.39 0.08
N SER A 109 -7.54 12.40 -0.59
CA SER A 109 -7.68 13.03 -1.93
C SER A 109 -7.42 14.53 -1.87
N SER A 110 -7.71 15.20 -0.74
CA SER A 110 -7.46 16.65 -0.62
C SER A 110 -5.99 17.05 -0.78
N LEU A 111 -5.03 16.12 -0.71
CA LEU A 111 -3.61 16.46 -0.99
C LEU A 111 -3.40 16.79 -2.47
N ASN A 112 -4.35 16.48 -3.34
CA ASN A 112 -4.26 16.72 -4.78
C ASN A 112 -3.93 18.20 -5.01
N GLU A 113 -4.57 19.08 -4.24
N GLU A 113 -4.56 19.15 -4.30
CA GLU A 113 -4.40 20.55 -4.41
CA GLU A 113 -4.27 20.59 -4.58
C GLU A 113 -2.96 20.96 -4.03
C GLU A 113 -2.88 20.98 -4.05
N VAL A 114 -2.40 20.35 -2.98
CA VAL A 114 -1.02 20.57 -2.48
C VAL A 114 -0.03 20.13 -3.54
N ILE A 115 -0.22 18.93 -4.10
CA ILE A 115 0.76 18.39 -5.06
C ILE A 115 0.69 19.26 -6.33
N GLN A 116 -0.50 19.65 -6.75
CA GLN A 116 -0.63 20.53 -7.94
C GLN A 116 0.03 21.88 -7.64
N ASN A 117 -0.07 22.41 -6.44
CA ASN A 117 0.58 23.71 -6.08
C ASN A 117 2.10 23.56 -6.18
N LEU A 118 2.67 22.41 -5.78
CA LEU A 118 4.14 22.26 -5.76
C LEU A 118 4.70 21.98 -7.17
N ALA A 119 3.90 21.41 -8.06
CA ALA A 119 4.31 21.02 -9.43
C ALA A 119 4.86 22.26 -10.16
N ALA A 120 4.15 23.37 -10.05
CA ALA A 120 4.59 24.70 -10.53
C ALA A 120 5.97 25.02 -9.94
N THR A 121 6.09 25.10 -8.61
CA THR A 121 7.29 25.57 -7.90
C THR A 121 8.51 24.66 -8.10
N LYS A 122 8.32 23.34 -8.22
CA LYS A 122 9.40 22.31 -8.14
C LYS A 122 9.69 21.73 -9.51
N SER A 123 8.97 22.14 -10.53
CA SER A 123 9.21 21.80 -11.95
C SER A 123 9.02 20.30 -12.18
N PHE A 124 7.87 19.76 -11.77
CA PHE A 124 7.48 18.37 -12.11
C PHE A 124 6.11 18.34 -12.76
N LYS A 125 5.89 17.24 -13.49
CA LYS A 125 4.63 16.84 -14.14
C LYS A 125 3.99 15.75 -13.27
N VAL A 126 2.67 15.73 -13.16
CA VAL A 126 1.92 14.80 -12.26
C VAL A 126 0.90 14.02 -13.08
N LYS A 127 0.81 12.73 -12.85
CA LYS A 127 -0.29 11.91 -13.33
C LYS A 127 -0.90 11.22 -12.10
N ARG A 128 -2.18 11.43 -11.89
CA ARG A 128 -2.92 10.90 -10.73
C ARG A 128 -3.64 9.60 -11.10
N SER A 129 -3.44 8.56 -10.29
CA SER A 129 -4.29 7.35 -10.26
C SER A 129 -5.22 7.47 -9.05
N LYS A 130 -6.52 7.50 -9.30
CA LYS A 130 -7.53 7.61 -8.23
C LYS A 130 -8.45 6.41 -8.33
N ASN A 131 -8.46 5.56 -7.30
CA ASN A 131 -9.22 4.28 -7.34
C ASN A 131 -10.15 4.19 -6.14
N ILE A 132 -11.05 3.21 -6.19
CA ILE A 132 -11.99 2.93 -5.08
C ILE A 132 -11.17 2.31 -3.94
N LEU A 133 -11.26 2.90 -2.75
CA LEU A 133 -10.62 2.35 -1.50
C LEU A 133 -11.59 1.38 -0.82
N TYR A 134 -11.12 0.18 -0.50
CA TYR A 134 -11.89 -0.79 0.28
C TYR A 134 -11.23 -1.10 1.64
N MET A 135 -12.04 -1.34 2.66
CA MET A 135 -11.53 -1.83 3.97
C MET A 135 -12.40 -3.03 4.36
N ALA A 136 -11.79 -4.04 4.98
CA ALA A 136 -12.56 -5.17 5.55
C ALA A 136 -13.56 -4.63 6.57
N SER A 137 -14.81 -5.14 6.55
CA SER A 137 -15.80 -4.77 7.61
C SER A 137 -15.16 -4.97 8.99
N GLU A 138 -14.38 -6.03 9.20
CA GLU A 138 -13.76 -6.33 10.51
C GLU A 138 -12.79 -5.23 10.91
N THR A 139 -12.01 -4.68 9.96
CA THR A 139 -11.06 -3.59 10.28
C THR A 139 -11.86 -2.35 10.71
N ILE A 140 -13.00 -2.09 10.06
CA ILE A 140 -13.86 -0.88 10.30
C ILE A 140 -14.39 -1.03 11.73
N LYS A 141 -14.89 -2.21 12.06
CA LYS A 141 -15.46 -2.43 13.42
C LYS A 141 -14.39 -2.26 14.50
N GLU A 142 -13.15 -2.74 14.24
CA GLU A 142 -11.99 -2.64 15.18
C GLU A 142 -11.51 -1.18 15.32
N LEU A 143 -11.33 -0.45 14.23
CA LEU A 143 -10.58 0.83 14.20
C LEU A 143 -11.51 2.03 14.09
N THR A 144 -12.65 1.92 13.41
CA THR A 144 -13.54 3.09 13.14
C THR A 144 -15.00 2.71 13.33
N PRO A 145 -15.39 2.32 14.56
CA PRO A 145 -16.77 1.93 14.81
C PRO A 145 -17.68 3.19 14.77
N GLY A 158 -18.67 -13.83 5.39
CA GLY A 158 -17.87 -13.32 4.25
C GLY A 158 -16.82 -14.33 3.82
N LYS A 159 -17.20 -15.61 3.80
CA LYS A 159 -16.30 -16.74 3.50
C LYS A 159 -16.37 -17.05 2.00
N PRO A 160 -15.24 -17.44 1.36
CA PRO A 160 -15.26 -17.83 -0.05
C PRO A 160 -16.04 -19.15 -0.18
N LYS A 161 -16.55 -19.44 -1.37
CA LYS A 161 -17.01 -20.79 -1.78
C LYS A 161 -15.82 -21.75 -1.64
N ALA A 162 -16.03 -22.96 -1.10
CA ALA A 162 -14.96 -23.97 -0.91
C ALA A 162 -14.38 -24.35 -2.27
N ILE A 163 -13.14 -24.88 -2.29
CA ILE A 163 -12.41 -25.32 -3.52
C ILE A 163 -11.76 -26.68 -3.22
N ASP A 164 -11.37 -27.40 -4.27
CA ASP A 164 -11.00 -28.84 -4.17
C ASP A 164 -9.61 -28.94 -3.56
N PRO A 165 -9.48 -29.53 -2.34
CA PRO A 165 -8.20 -29.56 -1.64
C PRO A 165 -7.13 -30.43 -2.32
N GLU A 166 -7.53 -31.34 -3.22
CA GLU A 166 -6.57 -32.21 -3.93
C GLU A 166 -6.21 -31.59 -5.30
N MET A 167 -6.70 -30.38 -5.60
CA MET A 167 -6.27 -29.61 -6.80
CA MET A 167 -6.30 -29.61 -6.80
C MET A 167 -5.45 -28.40 -6.37
N PHE A 168 -5.81 -27.75 -5.26
CA PHE A 168 -5.25 -26.44 -4.82
C PHE A 168 -4.82 -26.49 -3.36
N LYS A 169 -3.62 -26.00 -3.07
CA LYS A 169 -3.07 -25.92 -1.71
C LYS A 169 -2.52 -24.51 -1.45
N LEU A 170 -2.83 -23.97 -0.29
CA LEU A 170 -2.25 -22.70 0.21
C LEU A 170 -0.74 -22.86 0.37
N SER A 171 0.04 -21.85 -0.05
CA SER A 171 1.52 -21.87 -0.01
C SER A 171 2.03 -20.44 0.24
N SER A 172 3.24 -20.33 0.77
CA SER A 172 4.04 -19.07 0.74
C SER A 172 4.46 -18.81 -0.70
N VAL A 173 4.88 -17.59 -0.97
CA VAL A 173 5.24 -17.17 -2.35
C VAL A 173 6.76 -17.07 -2.40
N ASP A 174 7.41 -17.78 -3.32
CA ASP A 174 8.88 -17.74 -3.49
C ASP A 174 9.26 -16.50 -4.29
N PRO A 175 10.41 -15.85 -4.02
CA PRO A 175 10.83 -14.69 -4.82
C PRO A 175 10.87 -14.92 -6.34
N SER A 176 11.07 -16.17 -6.74
CA SER A 176 11.11 -16.63 -8.16
C SER A 176 9.76 -16.40 -8.86
N HIS A 177 8.66 -16.35 -8.10
CA HIS A 177 7.30 -16.11 -8.66
C HIS A 177 7.15 -14.67 -9.10
N ALA A 178 8.05 -13.76 -8.69
CA ALA A 178 7.90 -12.32 -8.97
C ALA A 178 7.69 -12.14 -10.47
N ALA A 179 8.38 -12.93 -11.31
CA ALA A 179 8.32 -12.70 -12.76
C ALA A 179 6.87 -12.90 -13.23
N VAL A 180 6.16 -13.85 -12.67
CA VAL A 180 4.74 -14.09 -13.06
C VAL A 180 3.85 -12.97 -12.53
N VAL A 181 4.02 -12.61 -11.24
CA VAL A 181 3.22 -11.50 -10.66
C VAL A 181 3.37 -10.23 -11.53
N ASN A 182 4.60 -9.98 -11.94
CA ASN A 182 4.98 -8.78 -12.72
C ASN A 182 4.24 -8.78 -14.07
N ARG A 183 4.00 -9.96 -14.65
CA ARG A 183 3.33 -10.04 -15.98
C ARG A 183 1.88 -9.57 -15.82
N PHE A 184 1.20 -9.80 -14.69
CA PHE A 184 -0.25 -9.49 -14.54
C PHE A 184 -0.52 -8.19 -13.78
N TRP A 185 0.51 -7.53 -13.25
CA TRP A 185 0.35 -6.29 -12.46
C TRP A 185 0.19 -5.09 -13.41
N LEU A 186 -0.92 -4.38 -13.27
CA LEU A 186 -1.24 -3.16 -14.07
C LEU A 186 -0.10 -2.14 -14.00
N PHE A 187 0.61 -2.02 -12.87
CA PHE A 187 1.72 -1.05 -12.70
C PHE A 187 3.08 -1.68 -13.02
N GLY A 188 3.15 -2.90 -13.55
CA GLY A 188 4.41 -3.64 -13.70
C GLY A 188 4.83 -3.85 -15.15
N GLY A 189 5.34 -5.04 -15.45
CA GLY A 189 5.79 -5.36 -16.82
C GLY A 189 7.21 -4.91 -17.16
N ASN A 190 7.95 -4.28 -16.25
CA ASN A 190 9.35 -3.85 -16.52
C ASN A 190 10.30 -4.45 -15.47
N GLU A 191 11.60 -4.12 -15.55
CA GLU A 191 12.61 -4.71 -14.65
C GLU A 191 12.52 -4.07 -13.26
N ARG A 192 12.35 -2.74 -13.19
CA ARG A 192 12.24 -2.03 -11.89
C ARG A 192 11.00 -2.56 -11.16
N SER A 193 9.89 -2.79 -11.84
CA SER A 193 8.67 -3.30 -11.18
C SER A 193 8.92 -4.73 -10.69
N LEU A 194 9.66 -5.54 -11.46
CA LEU A 194 10.01 -6.92 -11.03
C LEU A 194 10.78 -6.84 -9.73
N ARG A 195 11.77 -5.97 -9.64
CA ARG A 195 12.63 -5.85 -8.44
C ARG A 195 11.78 -5.45 -7.24
N PHE A 196 10.82 -4.56 -7.46
CA PHE A 196 9.92 -4.09 -6.37
C PHE A 196 9.06 -5.25 -5.86
N ILE A 197 8.48 -6.02 -6.79
CA ILE A 197 7.69 -7.23 -6.42
C ILE A 197 8.55 -8.22 -5.67
N GLU A 198 9.78 -8.48 -6.13
CA GLU A 198 10.73 -9.38 -5.41
C GLU A 198 10.95 -8.87 -3.99
N ARG A 199 11.14 -7.57 -3.80
CA ARG A 199 11.38 -6.99 -2.45
C ARG A 199 10.14 -7.21 -1.60
N CYS A 200 8.94 -7.04 -2.12
CA CYS A 200 7.69 -7.31 -1.34
C CYS A 200 7.60 -8.78 -0.94
N ILE A 201 7.92 -9.69 -1.86
CA ILE A 201 7.90 -11.15 -1.55
C ILE A 201 8.96 -11.48 -0.50
N GLN A 202 10.16 -10.92 -0.58
CA GLN A 202 11.25 -11.18 0.40
C GLN A 202 10.88 -10.61 1.77
N SER A 203 10.07 -9.54 1.86
CA SER A 203 9.95 -8.70 3.07
C SER A 203 8.76 -9.07 3.93
N PHE A 204 7.68 -9.57 3.33
CA PHE A 204 6.34 -9.76 3.97
C PHE A 204 5.82 -11.14 3.66
N PRO A 205 5.08 -11.78 4.59
CA PRO A 205 4.47 -13.07 4.28
C PRO A 205 3.39 -12.78 3.22
N ASN A 206 3.30 -13.61 2.18
CA ASN A 206 2.27 -13.57 1.12
C ASN A 206 1.74 -14.98 0.89
N PHE A 207 0.56 -15.08 0.31
CA PHE A 207 -0.19 -16.34 0.11
C PHE A 207 -0.36 -16.55 -1.39
N CYS A 208 -0.17 -17.78 -1.83
CA CYS A 208 -0.65 -18.19 -3.15
C CYS A 208 -1.37 -19.52 -3.02
N LEU A 209 -2.09 -19.90 -4.05
CA LEU A 209 -2.60 -21.26 -4.25
C LEU A 209 -1.74 -21.98 -5.28
N LEU A 210 -1.20 -23.12 -4.89
CA LEU A 210 -0.50 -24.04 -5.82
C LEU A 210 -1.56 -24.90 -6.51
N GLY A 211 -1.42 -25.07 -7.82
CA GLY A 211 -2.30 -25.92 -8.60
C GLY A 211 -1.79 -27.37 -8.58
N PRO A 212 -2.41 -28.21 -9.40
CA PRO A 212 -2.00 -29.62 -9.53
C PRO A 212 -0.51 -29.90 -9.81
N GLU A 213 0.22 -28.96 -10.40
CA GLU A 213 1.65 -29.15 -10.76
C GLU A 213 2.58 -28.63 -9.66
N GLY A 214 2.02 -28.10 -8.57
CA GLY A 214 2.80 -27.50 -7.47
C GLY A 214 3.32 -26.12 -7.84
N THR A 215 2.81 -25.53 -8.93
CA THR A 215 3.18 -24.16 -9.38
C THR A 215 2.13 -23.18 -8.85
N PRO A 216 2.49 -21.91 -8.58
CA PRO A 216 1.45 -20.96 -8.16
C PRO A 216 0.46 -20.61 -9.28
N VAL A 217 -0.83 -20.78 -9.02
CA VAL A 217 -1.86 -20.46 -10.05
C VAL A 217 -2.72 -19.23 -9.66
N SER A 218 -2.69 -18.84 -8.39
CA SER A 218 -3.42 -17.64 -7.90
C SER A 218 -2.62 -17.08 -6.74
N TRP A 219 -2.63 -15.76 -6.58
CA TRP A 219 -1.78 -15.16 -5.52
C TRP A 219 -2.36 -13.81 -5.09
N SER A 220 -1.97 -13.37 -3.88
CA SER A 220 -2.23 -11.98 -3.42
C SER A 220 -1.00 -11.60 -2.60
N LEU A 221 -0.52 -10.38 -2.79
CA LEU A 221 0.68 -9.91 -2.10
C LEU A 221 0.32 -8.73 -1.21
N MET A 222 1.29 -8.30 -0.44
CA MET A 222 1.19 -7.07 0.36
C MET A 222 2.41 -6.23 0.05
N ASP A 223 2.24 -4.91 -0.04
CA ASP A 223 3.43 -4.03 -0.14
C ASP A 223 3.77 -3.48 1.23
N GLN A 224 4.68 -2.51 1.21
CA GLN A 224 5.29 -1.97 2.45
C GLN A 224 4.28 -1.15 3.29
N THR A 225 3.12 -0.85 2.71
CA THR A 225 2.04 -0.05 3.33
C THR A 225 1.01 -0.96 4.01
N GLY A 226 1.16 -2.26 3.86
CA GLY A 226 0.25 -3.24 4.44
C GLY A 226 -0.96 -3.46 3.57
N GLU A 227 -1.04 -2.80 2.42
CA GLU A 227 -2.20 -2.96 1.54
C GLU A 227 -2.12 -4.30 0.79
N MET A 228 -3.24 -4.97 0.62
CA MET A 228 -3.31 -6.18 -0.25
C MET A 228 -3.33 -5.72 -1.69
N ARG A 229 -2.38 -6.20 -2.50
CA ARG A 229 -2.11 -5.68 -3.85
C ARG A 229 -1.55 -6.80 -4.74
N MET A 230 -1.50 -6.52 -6.03
CA MET A 230 -0.73 -7.36 -6.98
C MET A 230 -1.31 -8.76 -7.04
N ALA A 231 -2.62 -8.88 -6.97
CA ALA A 231 -3.29 -10.21 -6.96
C ALA A 231 -3.50 -10.63 -8.42
N GLY A 232 -3.60 -11.93 -8.62
CA GLY A 232 -3.84 -12.45 -9.97
C GLY A 232 -4.15 -13.93 -9.96
N THR A 233 -4.81 -14.39 -11.03
CA THR A 233 -5.02 -15.83 -11.30
C THR A 233 -4.61 -16.10 -12.74
N LEU A 234 -3.87 -17.20 -12.98
CA LEU A 234 -3.50 -17.58 -14.36
C LEU A 234 -4.80 -17.80 -15.13
N PRO A 235 -4.86 -17.38 -16.41
CA PRO A 235 -6.08 -17.52 -17.21
C PRO A 235 -6.73 -18.93 -17.18
N GLU A 236 -5.93 -19.99 -17.24
CA GLU A 236 -6.44 -21.40 -17.26
C GLU A 236 -7.33 -21.64 -16.03
N TYR A 237 -7.04 -21.00 -14.87
CA TYR A 237 -7.72 -21.29 -13.59
C TYR A 237 -8.68 -20.17 -13.15
N ARG A 238 -9.03 -19.23 -14.01
CA ARG A 238 -9.96 -18.10 -13.64
C ARG A 238 -11.41 -18.57 -13.46
N ALA A 239 -12.14 -17.82 -12.64
CA ALA A 239 -13.60 -17.97 -12.43
C ALA A 239 -13.87 -19.27 -11.67
N GLN A 240 -12.92 -19.70 -10.83
CA GLN A 240 -13.13 -20.84 -9.92
C GLN A 240 -13.08 -20.44 -8.46
N GLY A 241 -12.92 -19.13 -8.18
CA GLY A 241 -12.92 -18.62 -6.80
C GLY A 241 -11.53 -18.57 -6.21
N LEU A 242 -10.48 -18.77 -7.00
CA LEU A 242 -9.13 -18.95 -6.42
C LEU A 242 -8.65 -17.62 -5.83
N VAL A 243 -8.77 -16.50 -6.54
CA VAL A 243 -8.16 -15.25 -5.96
C VAL A 243 -8.96 -14.85 -4.71
N THR A 244 -10.28 -15.09 -4.69
CA THR A 244 -11.13 -14.83 -3.51
C THR A 244 -10.57 -15.61 -2.31
N HIS A 245 -10.20 -16.89 -2.53
N HIS A 245 -10.16 -16.86 -2.55
CA HIS A 245 -9.61 -17.74 -1.46
CA HIS A 245 -9.61 -17.71 -1.47
C HIS A 245 -8.27 -17.17 -1.02
C HIS A 245 -8.25 -17.16 -1.01
N ALA A 246 -7.39 -16.79 -1.95
CA ALA A 246 -6.03 -16.31 -1.61
C ALA A 246 -6.15 -15.02 -0.78
N ILE A 247 -7.01 -14.09 -1.22
CA ILE A 247 -7.21 -12.78 -0.55
C ILE A 247 -7.88 -13.03 0.81
N TYR A 248 -8.88 -13.93 0.86
CA TYR A 248 -9.54 -14.24 2.16
C TYR A 248 -8.46 -14.70 3.16
N GLN A 249 -7.62 -15.63 2.75
CA GLN A 249 -6.60 -16.20 3.68
C GLN A 249 -5.59 -15.12 4.07
N GLN A 250 -5.14 -14.28 3.12
CA GLN A 250 -4.24 -13.13 3.44
C GLN A 250 -4.89 -12.22 4.48
N ALA A 251 -6.15 -11.90 4.26
CA ALA A 251 -6.89 -10.96 5.13
C ALA A 251 -6.96 -11.55 6.53
N GLN A 252 -7.33 -12.83 6.67
CA GLN A 252 -7.47 -13.43 8.03
C GLN A 252 -6.12 -13.41 8.78
N CYS A 253 -5.04 -13.67 8.06
N CYS A 253 -5.01 -13.62 8.07
CA CYS A 253 -3.69 -13.61 8.65
CA CYS A 253 -3.65 -13.60 8.68
C CYS A 253 -3.42 -12.18 9.17
C CYS A 253 -3.27 -12.19 9.13
N LEU A 254 -3.59 -11.16 8.32
CA LEU A 254 -3.41 -9.77 8.76
C LEU A 254 -4.26 -9.49 10.00
N LEU A 255 -5.55 -9.84 9.97
CA LEU A 255 -6.49 -9.51 11.08
C LEU A 255 -6.00 -10.16 12.39
N LYS A 256 -5.54 -11.40 12.33
CA LYS A 256 -5.05 -12.12 13.54
C LYS A 256 -3.88 -11.33 14.14
N ARG A 257 -3.09 -10.64 13.32
CA ARG A 257 -1.86 -9.97 13.80
C ARG A 257 -2.15 -8.51 14.10
N GLY A 258 -3.42 -8.09 14.01
CA GLY A 258 -3.87 -6.73 14.35
C GLY A 258 -3.48 -5.71 13.31
N PHE A 259 -3.25 -6.14 12.08
CA PHE A 259 -2.96 -5.21 10.95
C PHE A 259 -4.28 -4.87 10.26
N PRO A 260 -4.42 -3.67 9.65
CA PRO A 260 -5.63 -3.35 8.91
C PRO A 260 -5.66 -4.14 7.59
N VAL A 261 -6.85 -4.55 7.19
CA VAL A 261 -7.10 -5.13 5.85
C VAL A 261 -7.69 -4.06 4.96
N TYR A 262 -6.98 -3.72 3.88
CA TYR A 262 -7.46 -2.72 2.91
C TYR A 262 -6.90 -3.01 1.54
N SER A 263 -7.52 -2.41 0.55
CA SER A 263 -7.18 -2.68 -0.87
C SER A 263 -7.78 -1.55 -1.71
N HIS A 264 -7.56 -1.61 -3.00
CA HIS A 264 -8.30 -0.72 -3.92
C HIS A 264 -8.65 -1.45 -5.19
N VAL A 265 -9.61 -0.87 -5.89
CA VAL A 265 -10.02 -1.46 -7.20
C VAL A 265 -10.19 -0.33 -8.22
N ASP A 266 -9.57 -0.50 -9.38
CA ASP A 266 -9.81 0.40 -10.53
C ASP A 266 -11.27 0.22 -10.94
N PRO A 267 -12.05 1.30 -11.23
CA PRO A 267 -13.44 1.16 -11.70
C PRO A 267 -13.64 0.25 -12.93
N LYS A 268 -12.61 0.00 -13.72
CA LYS A 268 -12.69 -0.95 -14.87
C LYS A 268 -12.79 -2.40 -14.39
N ASN A 269 -12.34 -2.70 -13.17
CA ASN A 269 -12.20 -4.10 -12.70
C ASN A 269 -13.43 -4.52 -11.91
N GLN A 270 -14.50 -4.90 -12.62
CA GLN A 270 -15.75 -5.29 -11.95
C GLN A 270 -15.52 -6.59 -11.19
N ILE A 271 -14.66 -7.45 -11.75
CA ILE A 271 -14.39 -8.78 -11.11
C ILE A 271 -13.93 -8.51 -9.68
N MET A 272 -13.00 -7.57 -9.47
CA MET A 272 -12.48 -7.40 -8.08
C MET A 272 -13.44 -6.57 -7.21
N GLN A 273 -14.38 -5.79 -7.81
CA GLN A 273 -15.51 -5.22 -7.06
C GLN A 273 -16.40 -6.36 -6.51
N LYS A 274 -16.69 -7.35 -7.34
CA LYS A 274 -17.50 -8.53 -6.92
C LYS A 274 -16.78 -9.32 -5.82
N MET A 275 -15.50 -9.57 -6.01
CA MET A 275 -14.67 -10.31 -5.04
C MET A 275 -14.79 -9.58 -3.69
N SER A 276 -14.60 -8.27 -3.72
CA SER A 276 -14.58 -7.44 -2.49
C SER A 276 -15.92 -7.56 -1.78
N GLN A 277 -17.02 -7.47 -2.53
CA GLN A 277 -18.38 -7.54 -1.93
C GLN A 277 -18.55 -8.92 -1.28
N SER A 278 -18.09 -9.97 -1.94
CA SER A 278 -18.23 -11.35 -1.43
C SER A 278 -17.49 -11.51 -0.08
N LEU A 279 -16.39 -10.77 0.13
CA LEU A 279 -15.60 -10.89 1.39
C LEU A 279 -15.99 -9.84 2.43
N ASN A 280 -17.09 -9.11 2.22
CA ASN A 280 -17.54 -8.02 3.14
C ASN A 280 -16.41 -6.97 3.26
N HIS A 281 -15.72 -6.69 2.16
CA HIS A 281 -14.88 -5.48 2.04
C HIS A 281 -15.74 -4.35 1.49
N VAL A 282 -15.66 -3.20 2.13
CA VAL A 282 -16.61 -2.07 2.01
C VAL A 282 -15.91 -0.91 1.29
N PRO A 283 -16.55 -0.27 0.29
CA PRO A 283 -15.96 0.94 -0.32
C PRO A 283 -16.08 2.12 0.63
N MET A 284 -15.01 2.92 0.70
CA MET A 284 -14.83 3.95 1.74
C MET A 284 -15.09 5.32 1.15
N PRO A 285 -15.45 6.28 2.01
CA PRO A 285 -15.65 7.66 1.56
C PRO A 285 -14.35 8.43 1.27
N SER A 286 -13.19 7.83 1.52
CA SER A 286 -11.87 8.31 1.07
C SER A 286 -11.50 7.53 -0.19
N ASP A 287 -10.75 8.11 -1.11
CA ASP A 287 -10.23 7.44 -2.35
CA ASP A 287 -10.27 7.33 -2.29
C ASP A 287 -8.80 6.92 -2.11
N TRP A 288 -8.39 5.92 -2.89
CA TRP A 288 -6.96 5.54 -3.01
C TRP A 288 -6.32 6.48 -4.03
N ASN A 289 -5.16 7.07 -3.71
CA ASN A 289 -4.48 7.94 -4.68
C ASN A 289 -3.02 7.55 -4.82
N GLN A 290 -2.53 7.66 -6.05
CA GLN A 290 -1.10 7.65 -6.32
C GLN A 290 -0.83 8.78 -7.32
N TRP A 291 0.06 9.67 -6.95
CA TRP A 291 0.49 10.75 -7.86
C TRP A 291 1.88 10.39 -8.36
N ASN A 292 2.02 10.18 -9.64
CA ASN A 292 3.27 9.81 -10.32
C ASN A 292 3.90 11.12 -10.81
N CYS A 293 5.01 11.49 -10.24
CA CYS A 293 5.66 12.82 -10.43
C CYS A 293 7.01 12.63 -11.12
N GLU A 294 7.27 13.42 -12.15
CA GLU A 294 8.58 13.37 -12.82
C GLU A 294 9.00 14.80 -13.19
N PRO A 295 10.31 15.09 -13.07
CA PRO A 295 10.85 16.40 -13.41
C PRO A 295 10.47 16.71 -14.87
N LEU A 296 10.15 17.97 -15.12
CA LEU A 296 9.99 18.54 -16.49
C LEU A 296 11.37 18.50 -17.15
#